data_6NVP
#
_entry.id   6NVP
#
_cell.length_a   45.394
_cell.length_b   45.394
_cell.length_c   317.403
_cell.angle_alpha   90.00
_cell.angle_beta   90.00
_cell.angle_gamma   120.00
#
_symmetry.space_group_name_H-M   'P 61 2 2'
#
loop_
_entity.id
_entity.type
_entity.pdbx_description
1 polymer 'Nuclease MPE'
2 non-polymer 'MANGANESE (II) ION'
3 water water
#
_entity_poly.entity_id   1
_entity_poly.type   'polypeptide(L)'
_entity_poly.pdbx_seq_one_letter_code
;SMNYQPIEHRGQALWLLADKAIYWPARRALLVADVHIGKAASYRALHQPVPRGTTEATLARLDRLLAEHDCEQLIILGDF
LHARTARAPATLAKVEDWRKRHKNLKVVLIRGNHDRNAGDPPASLDIQVVDEPWVLEPFALQHEPQPHGTHPVLAGHVHP
VFVLRGKARQRLRLPCFVIDEQVSLLPAFGEFTGGWEITPASASRLYLAGAERVWPL
;
_entity_poly.pdbx_strand_id   A
#
# COMPACT_ATOMS: atom_id res chain seq x y z
N ASN A 3 5.84 15.95 -0.41
CA ASN A 3 5.02 16.34 -1.55
C ASN A 3 4.07 15.21 -1.99
N TYR A 4 3.07 15.59 -2.77
CA TYR A 4 2.08 14.65 -3.27
C TYR A 4 1.53 15.19 -4.57
N GLN A 5 0.89 14.32 -5.34
CA GLN A 5 0.24 14.72 -6.58
C GLN A 5 -1.25 14.49 -6.44
N PRO A 6 -2.07 15.53 -6.33
CA PRO A 6 -3.52 15.32 -6.29
C PRO A 6 -4.04 14.91 -7.66
N ILE A 7 -4.84 13.84 -7.69
CA ILE A 7 -5.50 13.40 -8.90
C ILE A 7 -6.98 13.20 -8.59
N GLU A 8 -7.77 13.19 -9.65
CA GLU A 8 -9.16 12.75 -9.59
C GLU A 8 -9.22 11.39 -10.28
N HIS A 9 -9.73 10.39 -9.57
CA HIS A 9 -9.90 9.10 -10.19
C HIS A 9 -11.38 8.86 -10.42
N ARG A 10 -11.94 7.84 -9.79
CA ARG A 10 -13.29 7.40 -10.10
C ARG A 10 -14.31 8.24 -9.34
N GLY A 11 -14.31 9.54 -9.66
CA GLY A 11 -15.09 10.51 -8.93
C GLY A 11 -14.52 10.90 -7.59
N GLN A 12 -13.36 10.37 -7.22
CA GLN A 12 -12.75 10.66 -5.93
C GLN A 12 -11.44 11.39 -6.12
N ALA A 13 -11.21 12.41 -5.29
CA ALA A 13 -9.89 12.98 -5.14
C ALA A 13 -9.01 12.00 -4.36
N LEU A 14 -7.83 11.72 -4.91
CA LEU A 14 -6.84 10.86 -4.28
C LEU A 14 -5.51 11.57 -4.30
N TRP A 15 -4.75 11.47 -3.21
CA TRP A 15 -3.42 12.07 -3.11
C TRP A 15 -2.39 10.95 -3.22
N LEU A 16 -1.69 10.89 -4.35
CA LEU A 16 -0.53 10.02 -4.49
C LEU A 16 0.65 10.59 -3.71
N LEU A 17 1.14 9.86 -2.70
CA LEU A 17 2.17 10.40 -1.81
C LEU A 17 3.55 9.87 -2.19
N ALA A 18 4.57 10.71 -2.00
CA ALA A 18 5.93 10.37 -2.45
C ALA A 18 6.50 9.18 -1.71
N ASP A 19 6.02 8.91 -0.49
CA ASP A 19 6.44 7.73 0.24
C ASP A 19 5.67 6.46 -0.17
N LYS A 20 5.14 6.43 -1.39
CA LYS A 20 4.49 5.25 -1.96
C LYS A 20 3.25 4.87 -1.19
N ALA A 21 2.26 5.76 -1.23
CA ALA A 21 1.03 5.56 -0.48
C ALA A 21 -0.01 6.50 -1.09
N ILE A 22 -1.26 6.19 -0.80
CA ILE A 22 -2.37 6.98 -1.32
C ILE A 22 -3.18 7.47 -0.13
N TYR A 23 -3.40 8.79 -0.07
CA TYR A 23 -4.31 9.39 0.90
C TYR A 23 -5.63 9.72 0.22
N TRP A 24 -6.71 9.27 0.85
CA TRP A 24 -8.07 9.38 0.31
C TRP A 24 -8.84 10.33 1.22
N PRO A 25 -8.88 11.62 0.89
CA PRO A 25 -9.43 12.59 1.86
C PRO A 25 -10.88 12.34 2.23
N ALA A 26 -11.73 12.02 1.27
CA ALA A 26 -13.16 11.86 1.57
C ALA A 26 -13.36 10.81 2.66
N ARG A 27 -12.56 9.75 2.66
CA ARG A 27 -12.66 8.68 3.64
C ARG A 27 -11.63 8.82 4.76
N ARG A 28 -10.87 9.92 4.78
CA ARG A 28 -9.76 10.09 5.72
C ARG A 28 -8.94 8.81 5.83
N ALA A 29 -8.59 8.24 4.69
CA ALA A 29 -8.03 6.90 4.61
C ALA A 29 -6.63 6.94 3.98
N LEU A 30 -5.69 6.27 4.64
CA LEU A 30 -4.33 6.07 4.13
C LEU A 30 -4.24 4.65 3.57
N LEU A 31 -3.91 4.53 2.28
CA LEU A 31 -3.82 3.24 1.61
C LEU A 31 -2.38 2.91 1.29
N VAL A 32 -1.95 1.69 1.65
CA VAL A 32 -0.62 1.18 1.34
C VAL A 32 -0.76 -0.24 0.84
N ALA A 33 0.24 -0.70 0.09
CA ALA A 33 0.31 -2.07 -0.38
C ALA A 33 1.73 -2.58 -0.17
N ASP A 34 1.86 -3.89 0.04
CA ASP A 34 3.15 -4.54 -0.04
C ASP A 34 4.13 -3.92 0.97
N VAL A 35 3.69 -3.88 2.22
CA VAL A 35 4.52 -3.28 3.26
C VAL A 35 5.68 -4.19 3.61
N HIS A 36 5.46 -5.52 3.65
CA HIS A 36 6.53 -6.48 3.92
C HIS A 36 7.26 -6.14 5.22
N ILE A 37 6.52 -5.87 6.30
CA ILE A 37 7.17 -5.45 7.54
C ILE A 37 8.11 -6.55 8.01
N GLY A 38 9.34 -6.14 8.36
CA GLY A 38 10.34 -7.08 8.80
C GLY A 38 11.27 -7.57 7.71
N LYS A 39 11.05 -7.16 6.47
CA LYS A 39 11.93 -7.52 5.36
C LYS A 39 13.10 -6.55 5.29
N ALA A 40 14.31 -7.09 5.15
CA ALA A 40 15.50 -6.25 5.11
C ALA A 40 15.72 -5.71 3.71
N ALA A 41 16.55 -4.67 3.61
CA ALA A 41 16.90 -4.11 2.31
C ALA A 41 17.97 -4.96 1.65
N THR A 54 15.31 -2.46 9.98
CA THR A 54 14.32 -2.55 8.92
C THR A 54 12.91 -2.25 9.45
N THR A 55 12.46 -3.06 10.42
CA THR A 55 11.10 -2.93 10.94
C THR A 55 10.83 -1.53 11.47
N GLU A 56 11.73 -1.02 12.30
CA GLU A 56 11.58 0.32 12.87
C GLU A 56 11.44 1.38 11.79
N ALA A 57 12.14 1.23 10.67
CA ALA A 57 12.08 2.23 9.61
C ALA A 57 10.72 2.25 8.92
N THR A 58 10.15 1.08 8.66
CA THR A 58 8.85 1.04 7.99
C THR A 58 7.75 1.61 8.87
N LEU A 59 7.78 1.33 10.17
CA LEU A 59 6.78 1.88 11.08
C LEU A 59 6.95 3.38 11.24
N ALA A 60 8.19 3.87 11.16
CA ALA A 60 8.42 5.30 11.35
C ALA A 60 7.92 6.11 10.16
N ARG A 61 8.03 5.52 8.94
CA ARG A 61 7.44 6.15 7.77
C ARG A 61 5.92 6.25 7.90
N LEU A 62 5.28 5.17 8.37
CA LEU A 62 3.84 5.22 8.62
C LEU A 62 3.49 6.28 9.66
N ASP A 63 4.24 6.34 10.76
CA ASP A 63 4.08 7.42 11.74
C ASP A 63 4.05 8.79 11.07
N ARG A 64 4.99 9.03 10.14
CA ARG A 64 5.08 10.36 9.53
C ARG A 64 3.89 10.63 8.61
N LEU A 65 3.44 9.62 7.87
CA LEU A 65 2.25 9.80 7.04
C LEU A 65 1.02 10.05 7.90
N LEU A 66 0.89 9.30 8.99
CA LEU A 66 -0.23 9.50 9.90
C LEU A 66 -0.19 10.87 10.55
N ALA A 67 1.01 11.41 10.79
CA ALA A 67 1.10 12.74 11.39
C ALA A 67 0.86 13.84 10.37
N GLU A 68 1.06 13.55 9.09
CA GLU A 68 0.95 14.56 8.04
C GLU A 68 -0.45 14.69 7.46
N HIS A 69 -1.30 13.68 7.62
CA HIS A 69 -2.65 13.71 7.05
C HIS A 69 -3.65 13.21 8.08
N ASP A 70 -4.85 13.78 8.04
CA ASP A 70 -5.93 13.40 8.94
C ASP A 70 -6.45 12.04 8.52
N CYS A 71 -5.99 10.99 9.20
CA CYS A 71 -6.33 9.60 8.84
C CYS A 71 -7.15 8.99 9.97
N GLU A 72 -8.37 8.55 9.66
CA GLU A 72 -9.11 7.76 10.65
C GLU A 72 -8.86 6.27 10.46
N GLN A 73 -8.43 5.86 9.28
CA GLN A 73 -8.17 4.44 9.03
C GLN A 73 -6.94 4.25 8.16
N LEU A 74 -6.28 3.11 8.37
CA LEU A 74 -5.22 2.63 7.50
C LEU A 74 -5.68 1.35 6.83
N ILE A 75 -5.52 1.25 5.52
CA ILE A 75 -5.98 0.11 4.74
C ILE A 75 -4.77 -0.46 4.02
N ILE A 76 -4.49 -1.74 4.24
CA ILE A 76 -3.32 -2.41 3.67
C ILE A 76 -3.79 -3.36 2.59
N LEU A 77 -3.35 -3.10 1.35
CA LEU A 77 -3.75 -3.91 0.21
C LEU A 77 -2.83 -5.13 0.09
N GLY A 78 -2.86 -5.95 1.13
CA GLY A 78 -2.13 -7.20 1.18
C GLY A 78 -0.65 -7.05 1.43
N ASP A 79 -0.04 -8.19 1.81
CA ASP A 79 1.39 -8.32 2.04
C ASP A 79 1.85 -7.40 3.17
N PHE A 80 1.32 -7.69 4.36
CA PHE A 80 1.58 -6.90 5.55
C PHE A 80 2.91 -7.29 6.21
N LEU A 81 2.98 -8.52 6.70
CA LEU A 81 4.16 -9.02 7.40
C LEU A 81 5.04 -9.82 6.45
N HIS A 82 6.34 -9.62 6.54
CA HIS A 82 7.26 -10.49 5.81
C HIS A 82 7.14 -11.92 6.34
N ALA A 83 7.57 -12.89 5.55
CA ALA A 83 7.47 -14.29 5.93
C ALA A 83 8.14 -14.55 7.27
N ARG A 84 7.41 -15.24 8.16
CA ARG A 84 7.85 -15.48 9.52
C ARG A 84 9.27 -16.04 9.59
N THR A 85 9.61 -16.97 8.70
CA THR A 85 10.90 -17.63 8.82
C THR A 85 12.06 -16.75 8.36
N ALA A 86 11.78 -15.55 7.83
CA ALA A 86 12.84 -14.69 7.33
C ALA A 86 12.68 -13.24 7.77
N ARG A 87 11.73 -12.94 8.64
CA ARG A 87 11.54 -11.55 9.02
C ARG A 87 12.37 -11.21 10.25
N ALA A 88 12.69 -9.92 10.36
CA ALA A 88 13.59 -9.43 11.40
C ALA A 88 13.07 -9.82 12.79
N PRO A 89 13.96 -10.14 13.73
CA PRO A 89 13.51 -10.56 15.07
C PRO A 89 12.66 -9.48 15.74
N ALA A 90 11.64 -9.94 16.46
CA ALA A 90 10.72 -9.09 17.22
C ALA A 90 9.94 -8.12 16.33
N THR A 91 9.88 -8.38 15.02
CA THR A 91 9.01 -7.60 14.15
C THR A 91 7.61 -7.53 14.72
N LEU A 92 7.07 -8.69 15.09
CA LEU A 92 5.70 -8.75 15.59
C LEU A 92 5.52 -7.88 16.81
N ALA A 93 6.54 -7.82 17.67
CA ALA A 93 6.41 -7.09 18.93
C ALA A 93 6.19 -5.60 18.69
N LYS A 94 7.11 -4.95 17.97
CA LYS A 94 6.97 -3.51 17.84
C LYS A 94 5.90 -3.12 16.83
N VAL A 95 5.50 -4.01 15.93
CA VAL A 95 4.24 -3.79 15.22
C VAL A 95 3.09 -3.68 16.23
N GLU A 96 3.09 -4.53 17.26
CA GLU A 96 2.05 -4.47 18.28
C GLU A 96 2.15 -3.19 19.10
N ASP A 97 3.37 -2.79 19.48
CA ASP A 97 3.53 -1.53 20.19
C ASP A 97 3.07 -0.36 19.33
N TRP A 98 3.50 -0.35 18.07
CA TRP A 98 3.08 0.69 17.13
C TRP A 98 1.57 0.80 17.06
N ARG A 99 0.89 -0.33 16.89
CA ARG A 99 -0.56 -0.32 16.76
C ARG A 99 -1.22 0.30 18.01
N LYS A 100 -0.83 -0.15 19.20
CA LYS A 100 -1.50 0.40 20.36
C LYS A 100 -0.97 1.76 20.75
N ARG A 101 0.13 2.20 20.14
CA ARG A 101 0.47 3.62 20.17
C ARG A 101 -0.48 4.42 19.28
N HIS A 102 -1.01 3.80 18.23
CA HIS A 102 -2.07 4.40 17.41
C HIS A 102 -3.41 3.77 17.76
N LYS A 103 -3.74 3.86 19.05
CA LYS A 103 -4.89 3.13 19.58
C LYS A 103 -6.19 3.50 18.87
N ASN A 104 -6.36 4.79 18.57
CA ASN A 104 -7.59 5.26 17.94
C ASN A 104 -7.63 5.05 16.43
N LEU A 105 -6.55 4.54 15.84
CA LEU A 105 -6.53 4.34 14.40
C LEU A 105 -7.20 3.02 14.07
N LYS A 106 -8.21 3.05 13.19
CA LYS A 106 -8.75 1.83 12.63
C LYS A 106 -7.83 1.31 11.52
N VAL A 107 -7.50 0.02 11.57
CA VAL A 107 -6.64 -0.62 10.60
C VAL A 107 -7.40 -1.75 9.92
N VAL A 108 -7.24 -1.88 8.59
CA VAL A 108 -7.82 -2.98 7.82
C VAL A 108 -6.75 -3.62 6.94
N LEU A 109 -6.50 -4.90 7.16
CA LEU A 109 -5.68 -5.68 6.24
C LEU A 109 -6.59 -6.37 5.24
N ILE A 110 -6.44 -6.03 3.98
CA ILE A 110 -7.05 -6.82 2.92
C ILE A 110 -6.05 -7.88 2.50
N ARG A 111 -6.43 -9.14 2.71
CA ARG A 111 -5.50 -10.26 2.58
C ARG A 111 -5.39 -10.72 1.14
N GLY A 112 -4.15 -10.89 0.69
CA GLY A 112 -3.83 -11.67 -0.49
C GLY A 112 -3.48 -13.10 -0.09
N ASN A 113 -3.00 -13.85 -1.07
CA ASN A 113 -2.75 -15.28 -0.85
C ASN A 113 -1.70 -15.51 0.22
N HIS A 114 -0.63 -14.72 0.21
CA HIS A 114 0.42 -14.92 1.21
C HIS A 114 -0.09 -14.61 2.62
N ASP A 115 -0.82 -13.51 2.78
CA ASP A 115 -1.35 -13.17 4.10
C ASP A 115 -2.26 -14.28 4.64
N ARG A 116 -3.18 -14.77 3.78
CA ARG A 116 -4.17 -15.75 4.26
C ARG A 116 -3.52 -17.09 4.55
N ASN A 117 -2.58 -17.50 3.69
CA ASN A 117 -1.83 -18.73 3.94
C ASN A 117 -1.04 -18.63 5.24
N ALA A 118 -0.48 -17.46 5.54
CA ALA A 118 0.33 -17.32 6.74
C ALA A 118 -0.52 -17.28 8.01
N GLY A 119 -1.84 -17.17 7.89
CA GLY A 119 -2.64 -16.96 9.08
C GLY A 119 -2.54 -15.57 9.64
N ASP A 120 -2.08 -14.62 8.83
CA ASP A 120 -1.94 -13.25 9.31
C ASP A 120 -3.28 -12.53 9.30
N PRO A 121 -3.49 -11.56 10.20
CA PRO A 121 -2.55 -11.18 11.27
C PRO A 121 -2.88 -11.86 12.57
N PRO A 122 -1.93 -11.92 13.51
CA PRO A 122 -2.26 -12.40 14.86
C PRO A 122 -3.35 -11.53 15.47
N ALA A 123 -4.21 -12.17 16.27
CA ALA A 123 -5.31 -11.46 16.90
C ALA A 123 -4.84 -10.36 17.85
N SER A 124 -3.67 -10.52 18.48
CA SER A 124 -3.22 -9.52 19.43
C SER A 124 -2.93 -8.17 18.76
N LEU A 125 -2.81 -8.13 17.43
CA LEU A 125 -2.59 -6.86 16.74
C LEU A 125 -3.81 -5.95 16.77
N ASP A 126 -5.00 -6.49 17.02
CA ASP A 126 -6.24 -5.71 17.08
C ASP A 126 -6.46 -4.87 15.82
N ILE A 127 -6.38 -5.53 14.67
CA ILE A 127 -6.68 -4.90 13.40
C ILE A 127 -7.77 -5.70 12.73
N GLN A 128 -8.42 -5.09 11.76
CA GLN A 128 -9.46 -5.78 11.01
C GLN A 128 -8.83 -6.55 9.87
N VAL A 129 -9.48 -7.62 9.46
CA VAL A 129 -8.91 -8.44 8.40
C VAL A 129 -10.05 -8.96 7.51
N VAL A 130 -9.94 -8.71 6.21
CA VAL A 130 -10.87 -9.21 5.22
C VAL A 130 -10.06 -9.83 4.09
N ASP A 131 -10.72 -10.67 3.29
CA ASP A 131 -10.08 -11.27 2.13
C ASP A 131 -10.41 -10.43 0.90
N GLU A 132 -9.44 -10.29 -0.01
CA GLU A 132 -9.70 -9.58 -1.25
C GLU A 132 -10.78 -10.32 -2.02
N PRO A 133 -11.66 -9.62 -2.77
CA PRO A 133 -11.79 -8.17 -2.84
C PRO A 133 -12.65 -7.66 -1.72
N TRP A 134 -12.38 -6.45 -1.26
CA TRP A 134 -13.23 -5.74 -0.31
C TRP A 134 -13.66 -4.44 -0.95
N VAL A 135 -14.97 -4.28 -1.13
CA VAL A 135 -15.49 -3.10 -1.80
C VAL A 135 -15.55 -1.95 -0.80
N LEU A 136 -15.02 -0.80 -1.20
CA LEU A 136 -15.15 0.43 -0.44
C LEU A 136 -15.40 1.51 -1.49
N GLU A 137 -16.66 1.92 -1.61
CA GLU A 137 -17.12 2.58 -2.81
C GLU A 137 -16.26 3.80 -3.11
N PRO A 138 -15.85 4.00 -4.38
CA PRO A 138 -16.29 3.22 -5.53
C PRO A 138 -15.37 2.07 -5.94
N PHE A 139 -14.41 1.69 -5.10
CA PHE A 139 -13.37 0.77 -5.55
C PHE A 139 -13.56 -0.61 -4.94
N ALA A 140 -13.15 -1.62 -5.71
CA ALA A 140 -12.84 -2.94 -5.16
C ALA A 140 -11.37 -2.91 -4.73
N LEU A 141 -11.11 -3.06 -3.45
CA LEU A 141 -9.74 -3.05 -2.94
C LEU A 141 -9.21 -4.49 -2.91
N GLN A 142 -8.01 -4.69 -3.43
CA GLN A 142 -7.49 -6.05 -3.61
C GLN A 142 -5.98 -6.00 -3.41
N HIS A 143 -5.41 -7.19 -3.20
CA HIS A 143 -3.97 -7.35 -3.31
C HIS A 143 -3.59 -7.67 -4.76
N GLU A 144 -4.11 -8.79 -5.25
CA GLU A 144 -3.83 -9.26 -6.59
C GLU A 144 -4.49 -8.34 -7.61
N PRO A 145 -3.76 -7.83 -8.59
CA PRO A 145 -4.37 -6.87 -9.55
C PRO A 145 -5.14 -7.57 -10.68
N GLN A 146 -6.18 -8.26 -10.32
CA GLN A 146 -7.01 -8.79 -11.37
C GLN A 146 -8.27 -7.93 -11.54
N PRO A 147 -8.77 -7.81 -12.78
CA PRO A 147 -10.03 -7.08 -13.00
C PRO A 147 -11.17 -7.58 -12.13
N HIS A 148 -12.05 -6.66 -11.78
CA HIS A 148 -13.25 -6.91 -10.99
C HIS A 148 -14.46 -6.65 -11.88
N GLY A 149 -15.49 -7.47 -11.72
CA GLY A 149 -16.62 -7.41 -12.65
C GLY A 149 -17.49 -6.18 -12.46
N THR A 150 -17.56 -5.63 -11.25
CA THR A 150 -18.46 -4.53 -11.01
C THR A 150 -17.78 -3.22 -10.62
N HIS A 151 -16.56 -3.25 -10.10
CA HIS A 151 -15.93 -2.05 -9.58
C HIS A 151 -14.55 -1.86 -10.15
N PRO A 152 -14.08 -0.61 -10.27
CA PRO A 152 -12.66 -0.36 -10.49
C PRO A 152 -11.83 -0.86 -9.32
N VAL A 153 -10.62 -1.32 -9.61
CA VAL A 153 -9.77 -1.99 -8.65
C VAL A 153 -8.62 -1.07 -8.25
N LEU A 154 -8.30 -1.06 -6.94
CA LEU A 154 -7.03 -0.61 -6.44
C LEU A 154 -6.31 -1.83 -5.88
N ALA A 155 -5.07 -2.05 -6.32
CA ALA A 155 -4.39 -3.30 -6.01
C ALA A 155 -2.90 -3.08 -5.92
N GLY A 156 -2.18 -4.16 -5.62
CA GLY A 156 -0.74 -4.07 -5.41
C GLY A 156 -0.06 -5.30 -5.96
N HIS A 157 0.73 -5.97 -5.10
CA HIS A 157 1.27 -7.30 -5.38
C HIS A 157 2.39 -7.35 -6.41
N VAL A 158 2.28 -6.67 -7.56
CA VAL A 158 3.33 -6.82 -8.60
C VAL A 158 4.50 -5.83 -8.43
N HIS A 159 4.42 -4.89 -7.47
CA HIS A 159 5.51 -3.93 -7.24
C HIS A 159 5.84 -3.12 -8.50
N PRO A 160 4.93 -2.32 -9.02
CA PRO A 160 5.19 -1.65 -10.31
C PRO A 160 6.40 -0.71 -10.22
N VAL A 161 7.24 -0.73 -11.25
CA VAL A 161 8.39 0.16 -11.35
C VAL A 161 8.42 0.72 -12.77
N PHE A 162 9.14 1.85 -12.90
CA PHE A 162 9.40 2.45 -14.19
C PHE A 162 10.90 2.72 -14.31
N VAL A 163 11.46 2.47 -15.49
CA VAL A 163 12.89 2.54 -15.72
C VAL A 163 13.22 3.87 -16.39
N LEU A 164 14.09 4.66 -15.73
CA LEU A 164 14.62 5.89 -16.28
C LEU A 164 16.09 5.69 -16.64
N ARG A 165 16.49 6.19 -17.81
CA ARG A 165 17.89 6.44 -18.18
C ARG A 165 17.96 6.96 -19.60
N LEU A 172 17.54 2.86 -14.19
CA LEU A 172 17.12 3.22 -12.83
C LEU A 172 15.64 2.93 -12.58
N ARG A 173 15.37 1.87 -11.82
CA ARG A 173 14.01 1.43 -11.55
C ARG A 173 13.43 2.22 -10.38
N LEU A 174 12.35 2.96 -10.64
CA LEU A 174 11.70 3.69 -9.58
C LEU A 174 10.27 3.19 -9.38
N PRO A 175 9.83 3.04 -8.13
CA PRO A 175 8.42 2.70 -7.87
C PRO A 175 7.48 3.67 -8.58
N CYS A 176 6.37 3.12 -9.05
CA CYS A 176 5.50 3.76 -10.03
C CYS A 176 4.06 3.57 -9.56
N PHE A 177 3.30 4.67 -9.41
CA PHE A 177 1.84 4.56 -9.38
C PHE A 177 1.34 4.33 -10.80
N VAL A 178 0.34 3.45 -10.93
CA VAL A 178 -0.26 3.13 -12.23
C VAL A 178 -1.76 3.36 -12.06
N ILE A 179 -2.26 4.46 -12.59
CA ILE A 179 -3.67 4.83 -12.43
C ILE A 179 -4.38 4.48 -13.73
N ASP A 180 -5.45 3.68 -13.62
CA ASP A 180 -6.15 3.17 -14.78
C ASP A 180 -7.60 2.90 -14.40
N GLU A 181 -8.49 2.98 -15.39
CA GLU A 181 -9.92 2.88 -15.10
C GLU A 181 -10.29 1.47 -14.63
N GLN A 182 -9.59 0.44 -15.10
CA GLN A 182 -9.92 -0.93 -14.73
C GLN A 182 -9.20 -1.34 -13.46
N VAL A 183 -7.87 -1.40 -13.51
CA VAL A 183 -7.05 -1.83 -12.40
C VAL A 183 -5.94 -0.82 -12.20
N SER A 184 -5.89 -0.22 -11.03
CA SER A 184 -4.81 0.67 -10.64
C SER A 184 -3.86 -0.06 -9.70
N LEU A 185 -2.56 0.24 -9.82
CA LEU A 185 -1.51 -0.38 -9.02
C LEU A 185 -0.85 0.66 -8.13
N LEU A 186 -0.74 0.35 -6.82
CA LEU A 186 0.12 1.10 -5.91
C LEU A 186 1.53 0.55 -5.92
N PRO A 187 2.53 1.42 -5.88
CA PRO A 187 3.89 0.94 -5.71
C PRO A 187 4.01 0.25 -4.35
N ALA A 188 4.98 -0.65 -4.24
CA ALA A 188 5.20 -1.33 -2.97
C ALA A 188 5.62 -0.30 -1.94
N PHE A 189 5.00 -0.36 -0.76
CA PHE A 189 5.42 0.53 0.32
C PHE A 189 6.75 0.06 0.92
N GLY A 190 6.99 -1.25 0.98
CA GLY A 190 8.16 -1.79 1.65
C GLY A 190 9.26 -2.19 0.68
N GLU A 191 10.26 -2.89 1.24
CA GLU A 191 11.42 -3.30 0.47
C GLU A 191 11.06 -4.34 -0.58
N PHE A 192 11.69 -4.25 -1.74
CA PHE A 192 11.50 -5.25 -2.79
C PHE A 192 12.65 -5.12 -3.77
N THR A 193 12.84 -6.18 -4.55
CA THR A 193 13.86 -6.19 -5.58
C THR A 193 13.21 -6.53 -6.92
N GLY A 194 13.72 -5.92 -7.99
CA GLY A 194 13.12 -6.08 -9.31
C GLY A 194 11.81 -5.31 -9.48
N GLY A 195 10.70 -6.03 -9.54
CA GLY A 195 9.39 -5.42 -9.70
C GLY A 195 8.92 -5.45 -11.15
N TRP A 196 7.60 -5.46 -11.32
CA TRP A 196 7.04 -5.53 -12.67
C TRP A 196 7.27 -4.19 -13.38
N GLU A 197 8.06 -4.21 -14.46
CA GLU A 197 8.38 -2.97 -15.15
C GLU A 197 7.20 -2.48 -15.98
N ILE A 198 6.72 -1.28 -15.67
CA ILE A 198 5.71 -0.62 -16.49
C ILE A 198 6.41 0.06 -17.66
N THR A 199 6.06 -0.31 -18.90
CA THR A 199 6.75 0.29 -20.04
C THR A 199 6.17 1.67 -20.39
N PRO A 200 6.96 2.51 -21.05
CA PRO A 200 6.41 3.78 -21.58
C PRO A 200 5.13 3.61 -22.41
N ALA A 201 4.99 2.50 -23.12
CA ALA A 201 3.84 2.27 -24.00
C ALA A 201 2.53 2.06 -23.24
N SER A 202 2.55 2.05 -21.91
CA SER A 202 1.34 1.85 -21.15
C SER A 202 0.31 2.91 -21.50
N ALA A 203 -0.95 2.49 -21.57
CA ALA A 203 -2.07 3.41 -21.77
C ALA A 203 -2.53 4.08 -20.48
N SER A 204 -2.03 3.65 -19.32
CA SER A 204 -2.46 4.19 -18.05
C SER A 204 -1.69 5.45 -17.71
N ARG A 205 -2.19 6.18 -16.71
CA ARG A 205 -1.52 7.37 -16.18
C ARG A 205 -0.49 6.96 -15.13
N LEU A 206 0.76 7.39 -15.33
CA LEU A 206 1.89 6.94 -14.54
C LEU A 206 2.44 8.07 -13.67
N TYR A 207 2.78 7.74 -12.42
CA TYR A 207 3.38 8.73 -11.52
C TYR A 207 4.53 8.08 -10.75
N LEU A 208 5.73 8.63 -10.90
CA LEU A 208 6.90 8.08 -10.23
C LEU A 208 7.03 8.63 -8.81
N ALA A 209 7.49 7.76 -7.90
CA ALA A 209 7.77 8.10 -6.52
C ALA A 209 9.27 8.04 -6.26
N GLY A 210 9.85 9.15 -5.81
CA GLY A 210 11.27 9.13 -5.47
C GLY A 210 11.82 10.48 -5.05
N ALA A 211 12.84 10.45 -4.17
CA ALA A 211 13.49 11.66 -3.66
C ALA A 211 12.46 12.66 -3.13
N GLU A 212 11.49 12.14 -2.37
CA GLU A 212 10.50 12.90 -1.63
C GLU A 212 9.51 13.64 -2.53
N ARG A 213 9.40 13.27 -3.81
CA ARG A 213 8.48 13.94 -4.73
C ARG A 213 7.74 12.89 -5.55
N VAL A 214 6.63 13.30 -6.16
CA VAL A 214 5.88 12.46 -7.08
C VAL A 214 5.92 13.11 -8.44
N TRP A 215 6.28 12.32 -9.46
CA TRP A 215 6.61 12.82 -10.78
C TRP A 215 5.63 12.29 -11.81
N PRO A 216 4.62 13.07 -12.21
CA PRO A 216 3.73 12.61 -13.29
C PRO A 216 4.50 12.47 -14.59
N LEU A 217 4.30 11.34 -15.27
CA LEU A 217 4.97 11.06 -16.53
C LEU A 217 4.11 11.43 -17.72
#